data_7KMO
#
_entry.id   7KMO
#
_cell.length_a   116.680
_cell.length_b   116.680
_cell.length_c   97.770
_cell.angle_alpha   90.000
_cell.angle_beta   90.000
_cell.angle_gamma   90.000
#
_symmetry.space_group_name_H-M   'I 4'
#
loop_
_entity.id
_entity.type
_entity.pdbx_description
1 polymer 'Beta-galactosidase, GH35'
2 non-polymer 'SULFATE ION'
3 non-polymer alpha-D-galactopyranose
4 non-polymer GLYCEROL
5 water water
#
_entity_poly.entity_id   1
_entity_poly.type   'polypeptide(L)'
_entity_poly.pdbx_seq_one_letter_code
;MGSSHHHHHHSSGLVPRGSHMAQTPMPQFVSKDGKHALMVDGAPFLILGAQVNNSSNYPGIMDKVWPAMQVLGPNTVQVP
IAWEQVEPEEGRFDFSFVDTLLNQAREHKVRLVLLWFATWKNNGPQYAPHWVKTDNQRFPRVVTREGKSIGSLSPHAQAT
LDADRKAFVAFMQHLKKVDPQHTVIMIQPENEAGTYGSVRDFSPMAQKLFDGQVPDELIKRMNKQPGTWAQVFGADADEI
FHAWSIGRYIDQIAQAGKAEYPLPMYVNAALRGPFNPGQPGQYASGGPTDNVLDVWKAAGPHIDLLAPDIYMPEYRMYTT
VLERYARPDNALFVAETGNRPEYARYLYPTLGHNGIGWSAFGIDYTRYSNYPLGAKHVNEETLAPFALGFQAVSMGMRPF
AKAASEGKLHGTAEEPGQAVQELKLNDRWSATITYGVPQFWFKGEPPGNPEPIGAALIAELSPDEFLVTGYHARVTLHPA
SDATANMIYDRVEEGVYEGNDWKFQRNWNGDQTDYGVNFSSVPQLLKIKLATYK
;
_entity_poly.pdbx_strand_id   A
#
loop_
_chem_comp.id
_chem_comp.type
_chem_comp.name
_chem_comp.formula
GLA D-saccharide, alpha linking alpha-D-galactopyranose 'C6 H12 O6'
GOL non-polymer GLYCEROL 'C3 H8 O3'
SO4 non-polymer 'SULFATE ION' 'O4 S -2'
#
# COMPACT_ATOMS: atom_id res chain seq x y z
N THR A 24 -18.58 -3.06 19.38
CA THR A 24 -17.56 -3.75 18.59
C THR A 24 -16.53 -2.75 18.04
N PRO A 25 -15.24 -2.99 18.29
CA PRO A 25 -14.23 -1.97 17.97
C PRO A 25 -14.17 -1.71 16.47
N MET A 26 -14.05 -0.45 16.11
CA MET A 26 -13.91 -0.06 14.72
C MET A 26 -12.46 -0.19 14.29
N PRO A 27 -12.19 -0.17 12.98
CA PRO A 27 -10.79 -0.27 12.53
C PRO A 27 -9.94 0.88 13.07
N GLN A 28 -8.67 0.59 13.31
CA GLN A 28 -7.79 1.62 13.84
C GLN A 28 -6.35 1.28 13.54
N PHE A 29 -5.55 2.30 13.31
CA PHE A 29 -4.13 2.16 13.05
C PHE A 29 -3.36 2.47 14.32
N VAL A 30 -2.49 1.54 14.74
CA VAL A 30 -1.64 1.75 15.90
C VAL A 30 -0.19 1.65 15.45
N SER A 31 0.67 2.42 16.12
CA SER A 31 2.09 2.43 15.79
C SER A 31 2.85 2.94 17.02
N LYS A 32 3.82 2.15 17.49
CA LYS A 32 4.60 2.53 18.66
C LYS A 32 5.98 1.91 18.59
N ASP A 33 7.02 2.75 18.67
CA ASP A 33 8.41 2.30 18.66
C ASP A 33 8.71 1.49 17.40
N GLY A 34 8.13 1.91 16.28
CA GLY A 34 8.42 1.31 14.99
C GLY A 34 7.70 0.02 14.69
N LYS A 35 6.76 -0.40 15.53
CA LYS A 35 5.91 -1.55 15.26
C LYS A 35 4.49 -1.07 15.00
N HIS A 36 3.84 -1.65 14.00
CA HIS A 36 2.58 -1.13 13.48
C HIS A 36 1.56 -2.23 13.32
N ALA A 37 0.29 -1.84 13.42
CA ALA A 37 -0.82 -2.75 13.13
C ALA A 37 -2.02 -1.97 12.62
N LEU A 38 -2.65 -2.48 11.57
CA LEU A 38 -4.02 -2.11 11.21
C LEU A 38 -4.93 -3.07 11.97
N MET A 39 -5.59 -2.56 13.01
CA MET A 39 -6.50 -3.37 13.81
C MET A 39 -7.86 -3.39 13.12
N VAL A 40 -8.31 -4.59 12.76
CA VAL A 40 -9.60 -4.78 12.14
C VAL A 40 -10.31 -5.87 12.94
N ASP A 41 -11.50 -5.55 13.43
CA ASP A 41 -12.27 -6.44 14.30
C ASP A 41 -11.43 -6.87 15.52
N GLY A 42 -10.62 -5.96 16.03
CA GLY A 42 -9.91 -6.15 17.29
C GLY A 42 -8.58 -6.86 17.21
N ALA A 43 -8.06 -7.12 16.02
CA ALA A 43 -6.78 -7.81 15.91
C ALA A 43 -6.05 -7.27 14.68
N PRO A 44 -4.73 -7.43 14.63
CA PRO A 44 -3.99 -7.05 13.42
C PRO A 44 -4.55 -7.74 12.18
N PHE A 45 -4.43 -7.03 11.07
CA PHE A 45 -4.99 -7.38 9.77
C PHE A 45 -3.95 -7.04 8.72
N LEU A 46 -3.86 -7.85 7.66
CA LEU A 46 -2.99 -7.57 6.52
C LEU A 46 -3.85 -7.44 5.27
N ILE A 47 -3.72 -6.32 4.59
CA ILE A 47 -4.48 -6.05 3.37
C ILE A 47 -3.88 -6.82 2.21
N LEU A 48 -4.70 -7.66 1.59
CA LEU A 48 -4.42 -8.32 0.33
C LEU A 48 -5.40 -7.68 -0.65
N GLY A 49 -4.96 -6.62 -1.30
CA GLY A 49 -5.90 -5.72 -1.93
C GLY A 49 -5.99 -5.81 -3.43
N ALA A 50 -7.13 -5.37 -3.97
CA ALA A 50 -7.37 -5.25 -5.39
C ALA A 50 -8.07 -3.92 -5.62
N GLN A 51 -7.60 -3.14 -6.59
CA GLN A 51 -8.24 -1.88 -6.93
C GLN A 51 -8.84 -1.96 -8.33
N VAL A 52 -10.15 -1.62 -8.42
CA VAL A 52 -10.82 -1.53 -9.71
C VAL A 52 -10.25 -0.36 -10.50
N ASN A 53 -10.50 -0.37 -11.81
CA ASN A 53 -10.05 0.74 -12.64
C ASN A 53 -10.84 2.02 -12.31
N ASN A 54 -10.32 3.16 -12.82
CA ASN A 54 -10.74 4.48 -12.36
C ASN A 54 -12.21 4.81 -12.65
N SER A 55 -12.84 4.11 -13.61
CA SER A 55 -14.20 4.40 -14.03
C SER A 55 -15.12 3.23 -13.71
N SER A 56 -14.75 2.45 -12.69
CA SER A 56 -15.54 1.30 -12.29
C SER A 56 -16.26 1.60 -10.99
N ASN A 57 -16.96 2.72 -10.94
CA ASN A 57 -17.51 3.23 -9.69
C ASN A 57 -18.97 3.60 -9.87
N TYR A 58 -19.70 2.81 -10.63
CA TYR A 58 -21.12 3.03 -10.89
C TYR A 58 -21.85 1.70 -10.87
N PRO A 59 -23.13 1.69 -10.49
CA PRO A 59 -23.88 0.42 -10.39
C PRO A 59 -23.87 -0.41 -11.66
N GLY A 60 -23.96 0.22 -12.83
CA GLY A 60 -24.07 -0.46 -14.11
C GLY A 60 -22.81 -1.16 -14.61
N ILE A 61 -21.70 -1.04 -13.89
CA ILE A 61 -20.44 -1.68 -14.29
C ILE A 61 -19.94 -2.68 -13.26
N MET A 62 -20.62 -2.82 -12.10
CA MET A 62 -20.09 -3.70 -11.05
C MET A 62 -20.15 -5.17 -11.43
N ASP A 63 -20.97 -5.56 -12.41
CA ASP A 63 -20.96 -6.96 -12.81
C ASP A 63 -19.70 -7.33 -13.57
N LYS A 64 -18.87 -6.35 -13.95
CA LYS A 64 -17.56 -6.67 -14.47
C LYS A 64 -16.46 -6.50 -13.44
N VAL A 65 -16.80 -6.20 -12.19
CA VAL A 65 -15.83 -6.13 -11.12
C VAL A 65 -15.83 -7.45 -10.35
N TRP A 66 -16.98 -7.84 -9.80
CA TRP A 66 -17.00 -8.97 -8.89
C TRP A 66 -16.50 -10.30 -9.47
N PRO A 67 -16.78 -10.66 -10.73
CA PRO A 67 -16.21 -11.94 -11.23
C PRO A 67 -14.69 -11.98 -11.22
N ALA A 68 -14.03 -10.83 -11.39
CA ALA A 68 -12.58 -10.79 -11.29
C ALA A 68 -12.11 -10.96 -9.85
N MET A 69 -12.83 -10.35 -8.89
CA MET A 69 -12.46 -10.49 -7.49
C MET A 69 -12.63 -11.94 -7.03
N GLN A 70 -13.66 -12.60 -7.55
CA GLN A 70 -13.86 -14.02 -7.24
C GLN A 70 -12.65 -14.85 -7.64
N VAL A 71 -12.02 -14.50 -8.77
CA VAL A 71 -10.83 -15.23 -9.22
C VAL A 71 -9.60 -14.84 -8.40
N LEU A 72 -9.38 -13.54 -8.22
CA LEU A 72 -8.18 -13.12 -7.50
C LEU A 72 -8.27 -13.43 -6.01
N GLY A 73 -9.45 -13.27 -5.42
CA GLY A 73 -9.67 -13.47 -4.00
C GLY A 73 -8.94 -12.52 -3.07
N PRO A 74 -9.08 -11.20 -3.26
CA PRO A 74 -8.50 -10.27 -2.28
C PRO A 74 -9.31 -10.32 -1.00
N ASN A 75 -8.69 -9.85 0.09
CA ASN A 75 -9.53 -9.66 1.27
C ASN A 75 -10.06 -8.23 1.39
N THR A 76 -9.55 -7.30 0.57
CA THR A 76 -9.89 -5.88 0.63
C THR A 76 -9.94 -5.33 -0.80
N VAL A 77 -10.99 -4.58 -1.13
CA VAL A 77 -11.13 -3.98 -2.46
C VAL A 77 -11.09 -2.46 -2.31
N GLN A 78 -10.31 -1.80 -3.16
CA GLN A 78 -10.26 -0.35 -3.25
C GLN A 78 -11.15 0.13 -4.39
N VAL A 79 -12.01 1.12 -4.12
CA VAL A 79 -12.99 1.62 -5.10
C VAL A 79 -13.03 3.13 -5.01
N PRO A 80 -13.01 3.85 -6.13
CA PRO A 80 -13.16 5.31 -6.08
C PRO A 80 -14.55 5.73 -5.62
N ILE A 81 -14.57 6.76 -4.78
CA ILE A 81 -15.78 7.52 -4.46
C ILE A 81 -15.52 8.93 -4.96
N ALA A 82 -16.18 9.31 -6.06
CA ALA A 82 -15.87 10.55 -6.77
C ALA A 82 -16.67 11.72 -6.22
N TRP A 83 -15.99 12.85 -6.03
CA TRP A 83 -16.69 14.06 -5.60
C TRP A 83 -17.80 14.44 -6.58
N GLU A 84 -17.53 14.33 -7.90
CA GLU A 84 -18.55 14.68 -8.88
C GLU A 84 -19.81 13.82 -8.74
N GLN A 85 -19.69 12.59 -8.22
CA GLN A 85 -20.88 11.74 -8.14
C GLN A 85 -21.62 11.90 -6.82
N VAL A 86 -20.94 12.26 -5.73
CA VAL A 86 -21.62 12.42 -4.44
C VAL A 86 -22.15 13.84 -4.19
N GLU A 87 -21.62 14.85 -4.88
CA GLU A 87 -22.16 16.22 -4.78
C GLU A 87 -22.23 16.83 -6.17
N PRO A 88 -23.11 16.29 -7.05
CA PRO A 88 -23.13 16.76 -8.44
C PRO A 88 -23.52 18.22 -8.56
N GLU A 89 -24.43 18.67 -7.71
CA GLU A 89 -24.69 20.08 -7.49
C GLU A 89 -24.36 20.41 -6.03
N GLU A 90 -23.85 21.61 -5.81
CA GLU A 90 -23.42 21.99 -4.47
C GLU A 90 -24.57 21.89 -3.47
N GLY A 91 -24.31 21.24 -2.34
CA GLY A 91 -25.32 21.01 -1.32
C GLY A 91 -26.26 19.85 -1.57
N ARG A 92 -26.23 19.23 -2.75
CA ARG A 92 -27.16 18.16 -3.08
C ARG A 92 -26.38 16.84 -3.09
N PHE A 93 -26.31 16.19 -1.94
CA PHE A 93 -25.49 14.99 -1.80
C PHE A 93 -26.24 13.73 -2.21
N ASP A 94 -25.49 12.78 -2.77
CA ASP A 94 -26.01 11.51 -3.28
C ASP A 94 -24.99 10.42 -2.95
N PHE A 95 -25.24 9.66 -1.88
CA PHE A 95 -24.35 8.57 -1.50
C PHE A 95 -24.92 7.21 -1.88
N SER A 96 -25.84 7.18 -2.85
CA SER A 96 -26.48 5.92 -3.21
C SER A 96 -25.48 4.88 -3.68
N PHE A 97 -24.39 5.29 -4.34
CA PHE A 97 -23.44 4.27 -4.81
C PHE A 97 -22.66 3.67 -3.65
N VAL A 98 -22.31 4.49 -2.65
CA VAL A 98 -21.67 3.96 -1.45
C VAL A 98 -22.54 2.88 -0.82
N ASP A 99 -23.85 3.12 -0.74
CA ASP A 99 -24.75 2.14 -0.14
C ASP A 99 -24.75 0.85 -0.94
N THR A 100 -24.96 0.96 -2.25
CA THR A 100 -24.89 -0.22 -3.13
C THR A 100 -23.56 -0.94 -2.95
N LEU A 101 -22.46 -0.20 -2.86
CA LEU A 101 -21.16 -0.86 -2.84
C LEU A 101 -20.94 -1.59 -1.52
N LEU A 102 -21.46 -1.05 -0.43
CA LEU A 102 -21.35 -1.75 0.85
C LEU A 102 -22.11 -3.07 0.81
N ASN A 103 -23.32 -3.07 0.24
CA ASN A 103 -24.07 -4.31 0.10
C ASN A 103 -23.29 -5.34 -0.72
N GLN A 104 -22.65 -4.90 -1.81
CA GLN A 104 -21.98 -5.83 -2.70
C GLN A 104 -20.72 -6.40 -2.05
N ALA A 105 -19.98 -5.55 -1.31
CA ALA A 105 -18.78 -6.01 -0.62
C ALA A 105 -19.14 -7.01 0.49
N ARG A 106 -20.26 -6.78 1.18
CA ARG A 106 -20.69 -7.73 2.21
C ARG A 106 -21.11 -9.05 1.58
N GLU A 107 -21.83 -8.99 0.47
CA GLU A 107 -22.24 -10.22 -0.21
C GLU A 107 -21.03 -11.00 -0.71
N HIS A 108 -20.01 -10.30 -1.23
CA HIS A 108 -18.84 -10.95 -1.80
C HIS A 108 -17.71 -11.13 -0.81
N LYS A 109 -17.93 -10.76 0.46
CA LYS A 109 -17.03 -11.10 1.57
C LYS A 109 -15.64 -10.48 1.43
N VAL A 110 -15.61 -9.17 1.19
CA VAL A 110 -14.37 -8.40 1.14
C VAL A 110 -14.56 -7.17 2.03
N ARG A 111 -13.47 -6.64 2.53
CA ARG A 111 -13.52 -5.32 3.14
C ARG A 111 -13.26 -4.27 2.06
N LEU A 112 -13.53 -3.01 2.40
CA LEU A 112 -13.42 -1.91 1.44
C LEU A 112 -12.40 -0.90 1.93
N VAL A 113 -11.64 -0.34 0.99
CA VAL A 113 -10.90 0.90 1.21
C VAL A 113 -11.41 1.90 0.17
N LEU A 114 -11.99 3.00 0.63
CA LEU A 114 -12.63 3.97 -0.26
C LEU A 114 -11.67 5.10 -0.61
N LEU A 115 -11.62 5.43 -1.90
CA LEU A 115 -10.70 6.44 -2.43
C LEU A 115 -11.49 7.71 -2.77
N TRP A 116 -11.16 8.79 -2.07
CA TRP A 116 -11.87 10.05 -2.21
C TRP A 116 -11.24 10.86 -3.35
N PHE A 117 -11.85 10.77 -4.54
CA PHE A 117 -11.35 11.43 -5.74
C PHE A 117 -11.94 12.85 -5.77
N ALA A 118 -11.15 13.84 -5.35
CA ALA A 118 -11.71 15.17 -5.10
C ALA A 118 -10.83 16.30 -5.63
N THR A 119 -10.12 17.00 -4.74
CA THR A 119 -9.31 18.14 -5.18
C THR A 119 -8.17 17.68 -6.09
N TRP A 120 -7.47 16.60 -5.75
CA TRP A 120 -6.47 16.03 -6.64
C TRP A 120 -6.81 14.59 -6.95
N LYS A 121 -6.74 14.23 -8.23
CA LYS A 121 -6.65 12.85 -8.70
C LYS A 121 -5.54 12.84 -9.76
N ASN A 122 -4.42 12.18 -9.48
CA ASN A 122 -3.27 12.25 -10.40
C ASN A 122 -2.95 13.70 -10.73
N ASN A 123 -2.92 14.55 -9.68
CA ASN A 123 -2.56 15.96 -9.70
C ASN A 123 -3.72 16.89 -10.16
N GLY A 124 -4.80 16.36 -10.75
CA GLY A 124 -5.78 17.18 -11.45
C GLY A 124 -7.19 17.18 -10.85
N PRO A 125 -8.03 18.16 -11.28
CA PRO A 125 -9.38 18.29 -10.71
C PRO A 125 -10.49 17.51 -11.45
N GLN A 126 -10.15 16.53 -12.28
CA GLN A 126 -11.13 15.94 -13.19
C GLN A 126 -12.31 15.26 -12.48
N TYR A 127 -12.15 14.84 -11.22
CA TYR A 127 -13.24 14.20 -10.50
C TYR A 127 -13.98 15.15 -9.58
N ALA A 128 -13.54 16.40 -9.49
CA ALA A 128 -14.34 17.40 -8.80
C ALA A 128 -15.59 17.69 -9.62
N PRO A 129 -16.67 18.12 -8.97
CA PRO A 129 -17.95 18.32 -9.67
C PRO A 129 -17.88 19.45 -10.70
N HIS A 130 -18.92 19.48 -11.53
CA HIS A 130 -18.98 20.48 -12.60
C HIS A 130 -18.76 21.88 -12.06
N TRP A 131 -19.46 22.21 -10.96
CA TRP A 131 -19.46 23.56 -10.41
C TRP A 131 -18.15 23.91 -9.73
N VAL A 132 -17.21 22.94 -9.63
CA VAL A 132 -15.86 23.21 -9.16
C VAL A 132 -14.91 23.34 -10.35
N LYS A 133 -14.78 22.26 -11.14
CA LYS A 133 -13.69 22.22 -12.09
C LYS A 133 -13.90 23.13 -13.30
N THR A 134 -15.12 23.65 -13.53
CA THR A 134 -15.30 24.66 -14.58
C THR A 134 -15.19 26.09 -14.06
N ASP A 135 -15.05 26.30 -12.75
CA ASP A 135 -15.02 27.63 -12.14
C ASP A 135 -13.61 27.91 -11.62
N ASN A 136 -12.75 28.38 -12.51
CA ASN A 136 -11.38 28.74 -12.14
C ASN A 136 -11.32 30.02 -11.31
N GLN A 137 -12.41 30.79 -11.25
CA GLN A 137 -12.42 31.97 -10.38
C GLN A 137 -12.55 31.57 -8.91
N ARG A 138 -13.62 30.87 -8.56
CA ARG A 138 -13.81 30.46 -7.17
C ARG A 138 -12.78 29.41 -6.75
N PHE A 139 -12.40 28.51 -7.65
CA PHE A 139 -11.48 27.40 -7.35
C PHE A 139 -10.28 27.49 -8.28
N PRO A 140 -9.30 28.32 -7.94
CA PRO A 140 -8.22 28.61 -8.89
C PRO A 140 -7.17 27.51 -9.01
N ARG A 141 -6.63 27.40 -10.22
CA ARG A 141 -5.54 26.49 -10.59
C ARG A 141 -4.18 27.08 -10.26
N VAL A 142 -3.20 26.18 -10.11
CA VAL A 142 -1.80 26.57 -10.01
C VAL A 142 -1.41 27.48 -11.17
N VAL A 143 -0.63 28.52 -10.87
CA VAL A 143 -0.08 29.42 -11.89
C VAL A 143 1.42 29.17 -12.00
N THR A 144 1.90 28.92 -13.21
CA THR A 144 3.33 28.76 -13.38
C THR A 144 4.05 30.09 -13.20
N ARG A 145 5.38 30.00 -13.04
CA ARG A 145 6.23 31.18 -12.93
C ARG A 145 6.00 32.13 -14.10
N GLU A 146 5.60 31.61 -15.26
CA GLU A 146 5.39 32.44 -16.43
C GLU A 146 3.96 32.95 -16.54
N GLY A 147 3.07 32.59 -15.61
CA GLY A 147 1.73 33.14 -15.56
C GLY A 147 0.63 32.27 -16.13
N LYS A 148 0.93 31.05 -16.56
CA LYS A 148 -0.06 30.15 -17.14
C LYS A 148 -0.74 29.33 -16.05
N SER A 149 -2.07 29.32 -16.08
CA SER A 149 -2.83 28.34 -15.29
C SER A 149 -2.64 26.95 -15.88
N ILE A 150 -2.44 25.95 -15.01
CA ILE A 150 -2.23 24.56 -15.43
C ILE A 150 -3.20 23.66 -14.66
N GLY A 151 -3.28 22.39 -15.09
CA GLY A 151 -4.30 21.45 -14.64
C GLY A 151 -4.17 20.88 -13.24
N SER A 152 -4.08 21.76 -12.24
CA SER A 152 -3.88 21.34 -10.86
C SER A 152 -4.37 22.48 -9.97
N LEU A 153 -5.26 22.16 -9.02
CA LEU A 153 -5.84 23.18 -8.16
C LEU A 153 -4.84 23.64 -7.11
N SER A 154 -4.85 24.94 -6.84
CA SER A 154 -3.93 25.51 -5.86
C SER A 154 -4.31 25.09 -4.45
N PRO A 155 -3.35 24.59 -3.64
CA PRO A 155 -3.66 24.27 -2.24
C PRO A 155 -3.94 25.49 -1.38
N HIS A 156 -3.75 26.70 -1.91
CA HIS A 156 -3.80 27.92 -1.12
C HIS A 156 -5.18 28.57 -1.08
N ALA A 157 -6.14 28.11 -1.86
CA ALA A 157 -7.44 28.76 -1.96
C ALA A 157 -8.35 28.22 -0.87
N GLN A 158 -8.91 29.13 -0.07
CA GLN A 158 -9.73 28.70 1.05
C GLN A 158 -11.06 28.11 0.59
N ALA A 159 -11.60 28.57 -0.54
CA ALA A 159 -12.88 28.05 -1.03
C ALA A 159 -12.77 26.58 -1.43
N THR A 160 -11.66 26.21 -2.08
CA THR A 160 -11.50 24.82 -2.52
C THR A 160 -11.36 23.89 -1.33
N LEU A 161 -10.55 24.29 -0.34
CA LEU A 161 -10.44 23.51 0.89
C LEU A 161 -11.79 23.38 1.58
N ASP A 162 -12.51 24.50 1.71
CA ASP A 162 -13.80 24.47 2.40
C ASP A 162 -14.76 23.51 1.71
N ALA A 163 -14.77 23.52 0.38
CA ALA A 163 -15.76 22.75 -0.37
C ALA A 163 -15.42 21.27 -0.38
N ASP A 164 -14.13 20.95 -0.53
CA ASP A 164 -13.71 19.56 -0.43
C ASP A 164 -14.01 19.03 0.98
N ARG A 165 -13.57 19.75 2.01
CA ARG A 165 -13.77 19.30 3.39
C ARG A 165 -15.24 19.11 3.71
N LYS A 166 -16.10 20.04 3.27
CA LYS A 166 -17.53 19.89 3.49
C LYS A 166 -18.07 18.62 2.85
N ALA A 167 -17.67 18.34 1.61
CA ALA A 167 -18.10 17.10 0.99
C ALA A 167 -17.54 15.88 1.74
N PHE A 168 -16.25 15.94 2.13
CA PHE A 168 -15.65 14.80 2.85
C PHE A 168 -16.35 14.57 4.19
N VAL A 169 -16.78 15.65 4.84
CA VAL A 169 -17.48 15.51 6.12
C VAL A 169 -18.84 14.87 5.92
N ALA A 170 -19.55 15.22 4.85
CA ALA A 170 -20.82 14.57 4.60
C ALA A 170 -20.61 13.09 4.31
N PHE A 171 -19.54 12.78 3.57
CA PHE A 171 -19.16 11.40 3.26
C PHE A 171 -18.87 10.58 4.52
N MET A 172 -18.03 11.12 5.43
CA MET A 172 -17.70 10.40 6.66
C MET A 172 -18.91 10.23 7.56
N GLN A 173 -19.78 11.25 7.61
CA GLN A 173 -21.02 11.14 8.38
C GLN A 173 -21.91 10.04 7.82
N HIS A 174 -22.02 9.96 6.49
CA HIS A 174 -22.86 8.92 5.91
C HIS A 174 -22.28 7.55 6.21
N LEU A 175 -20.98 7.38 6.00
CA LEU A 175 -20.33 6.12 6.32
C LEU A 175 -20.65 5.67 7.74
N LYS A 176 -20.45 6.55 8.73
CA LYS A 176 -20.73 6.16 10.11
C LYS A 176 -22.15 5.64 10.28
N LYS A 177 -23.12 6.22 9.56
CA LYS A 177 -24.51 5.83 9.76
C LYS A 177 -24.81 4.46 9.15
N VAL A 178 -24.25 4.16 7.97
CA VAL A 178 -24.64 2.97 7.23
C VAL A 178 -23.61 1.83 7.31
N ASP A 179 -22.50 2.01 8.01
CA ASP A 179 -21.45 0.97 8.07
C ASP A 179 -21.04 0.61 9.51
N PRO A 180 -22.00 0.26 10.38
CA PRO A 180 -21.60 -0.22 11.71
C PRO A 180 -20.97 -1.60 11.66
N GLN A 181 -21.15 -2.35 10.56
CA GLN A 181 -20.44 -3.60 10.30
C GLN A 181 -18.94 -3.39 10.10
N HIS A 182 -18.52 -2.15 9.81
CA HIS A 182 -17.11 -1.81 9.58
C HIS A 182 -16.57 -2.51 8.33
N THR A 183 -17.40 -2.59 7.28
CA THR A 183 -16.93 -3.10 6.00
C THR A 183 -15.77 -2.27 5.47
N VAL A 184 -15.84 -0.95 5.65
CA VAL A 184 -14.78 -0.03 5.22
C VAL A 184 -13.76 0.06 6.34
N ILE A 185 -12.49 -0.23 6.02
CA ILE A 185 -11.45 -0.25 7.03
C ILE A 185 -10.47 0.93 6.92
N MET A 186 -10.31 1.54 5.74
CA MET A 186 -9.51 2.76 5.63
C MET A 186 -10.11 3.68 4.56
N ILE A 187 -9.74 4.96 4.63
CA ILE A 187 -10.09 5.96 3.64
C ILE A 187 -8.82 6.58 3.08
N GLN A 188 -8.79 6.81 1.77
CA GLN A 188 -7.70 7.49 1.11
C GLN A 188 -8.16 8.87 0.65
N PRO A 189 -7.92 9.93 1.43
CA PRO A 189 -8.27 11.29 1.00
C PRO A 189 -7.40 11.74 -0.17
N GLU A 190 -8.05 12.17 -1.26
CA GLU A 190 -7.37 12.56 -2.50
C GLU A 190 -6.65 11.36 -3.12
N ASN A 191 -6.13 11.51 -4.34
CA ASN A 191 -5.41 10.43 -5.02
C ASN A 191 -4.23 11.04 -5.74
N GLU A 192 -3.00 10.66 -5.33
CA GLU A 192 -1.76 11.20 -5.88
C GLU A 192 -1.84 12.72 -6.06
N ALA A 193 -1.97 13.44 -4.94
CA ALA A 193 -1.92 14.90 -4.92
C ALA A 193 -0.50 15.37 -5.23
N GLY A 194 -0.41 16.54 -5.83
CA GLY A 194 0.85 17.06 -6.31
C GLY A 194 0.57 17.84 -7.57
N THR A 195 1.65 18.24 -8.26
CA THR A 195 1.46 19.06 -9.47
C THR A 195 2.48 18.69 -10.55
N TYR A 196 2.00 18.47 -11.77
CA TYR A 196 2.84 18.33 -12.95
C TYR A 196 2.93 19.68 -13.68
N GLY A 197 4.13 20.02 -14.12
CA GLY A 197 4.33 21.23 -14.90
C GLY A 197 4.68 22.48 -14.10
N SER A 198 4.82 22.37 -12.77
CA SER A 198 5.28 23.49 -11.95
C SER A 198 5.70 22.93 -10.60
N VAL A 199 6.77 23.51 -10.03
CA VAL A 199 7.24 23.06 -8.71
C VAL A 199 6.30 23.54 -7.60
N ARG A 200 5.67 24.69 -7.77
CA ARG A 200 4.68 25.21 -6.82
C ARG A 200 3.75 26.17 -7.54
N ASP A 201 2.80 26.73 -6.79
CA ASP A 201 1.96 27.81 -7.29
C ASP A 201 2.75 29.11 -7.22
N PHE A 202 2.71 29.88 -8.30
CA PHE A 202 3.39 31.17 -8.33
C PHE A 202 2.42 32.33 -8.37
N SER A 203 1.11 32.07 -8.23
CA SER A 203 0.13 33.13 -8.15
C SER A 203 0.49 34.08 -7.02
N PRO A 204 -0.03 35.32 -7.07
CA PRO A 204 0.18 36.24 -5.95
C PRO A 204 -0.30 35.68 -4.63
N MET A 205 -1.45 34.99 -4.63
CA MET A 205 -1.95 34.32 -3.45
C MET A 205 -0.88 33.40 -2.85
N ALA A 206 -0.18 32.66 -3.71
CA ALA A 206 0.87 31.75 -3.26
C ALA A 206 2.11 32.50 -2.79
N GLN A 207 2.49 33.55 -3.54
CA GLN A 207 3.73 34.27 -3.25
C GLN A 207 3.66 34.98 -1.90
N LYS A 208 2.48 35.51 -1.54
CA LYS A 208 2.33 36.17 -0.25
C LYS A 208 2.61 35.20 0.90
N LEU A 209 2.13 33.96 0.78
CA LEU A 209 2.42 32.95 1.79
C LEU A 209 3.88 32.52 1.74
N PHE A 210 4.42 32.35 0.53
CA PHE A 210 5.82 31.95 0.38
C PHE A 210 6.77 32.99 0.96
N ASP A 211 6.44 34.27 0.81
CA ASP A 211 7.26 35.35 1.35
C ASP A 211 7.24 35.39 2.88
N GLY A 212 6.25 34.78 3.52
CA GLY A 212 6.13 34.80 4.97
C GLY A 212 7.12 33.89 5.68
N GLN A 213 6.93 33.77 6.99
CA GLN A 213 7.79 32.95 7.83
C GLN A 213 7.38 31.48 7.76
N VAL A 214 8.37 30.60 7.81
CA VAL A 214 8.10 29.15 7.87
C VAL A 214 7.42 28.83 9.19
N PRO A 215 6.28 28.14 9.19
CA PRO A 215 5.59 27.84 10.45
C PRO A 215 6.50 27.12 11.45
N ASP A 216 6.32 27.46 12.73
CA ASP A 216 7.21 26.96 13.76
C ASP A 216 7.19 25.44 13.84
N GLU A 217 6.05 24.83 13.53
CA GLU A 217 5.97 23.37 13.56
C GLU A 217 6.94 22.74 12.57
N LEU A 218 7.03 23.29 11.36
CA LEU A 218 7.95 22.74 10.37
C LEU A 218 9.40 23.06 10.71
N ILE A 219 9.64 24.25 11.27
CA ILE A 219 10.99 24.63 11.69
C ILE A 219 11.53 23.65 12.72
N LYS A 220 10.69 23.26 13.68
CA LYS A 220 11.11 22.31 14.70
C LYS A 220 11.47 20.95 14.08
N ARG A 221 10.50 20.36 13.38
CA ARG A 221 10.68 19.04 12.78
C ARG A 221 11.82 18.91 11.77
N MET A 222 12.20 20.01 11.14
CA MET A 222 13.26 20.00 10.14
C MET A 222 14.62 20.36 10.70
N ASN A 223 14.71 20.64 12.02
CA ASN A 223 15.97 20.98 12.67
C ASN A 223 16.62 22.19 12.00
N LYS A 224 15.86 23.29 11.95
CA LYS A 224 16.32 24.50 11.29
C LYS A 224 15.94 25.71 12.14
N GLN A 225 16.53 26.87 11.79
CA GLN A 225 16.28 28.14 12.47
C GLN A 225 15.15 28.90 11.77
N PRO A 226 14.38 29.69 12.52
CA PRO A 226 13.28 30.44 11.91
C PRO A 226 13.76 31.37 10.80
N GLY A 227 12.82 31.75 9.94
CA GLY A 227 13.13 32.52 8.75
C GLY A 227 12.05 32.34 7.72
N THR A 228 12.27 32.98 6.57
CA THR A 228 11.33 32.83 5.46
C THR A 228 11.58 31.51 4.75
N TRP A 229 10.66 31.19 3.83
CA TRP A 229 10.80 29.94 3.08
C TRP A 229 12.08 29.93 2.26
N ALA A 230 12.43 31.06 1.64
CA ALA A 230 13.66 31.09 0.86
C ALA A 230 14.90 31.03 1.76
N GLN A 231 14.87 31.75 2.88
CA GLN A 231 15.99 31.70 3.82
C GLN A 231 16.20 30.29 4.35
N VAL A 232 15.13 29.66 4.82
CA VAL A 232 15.26 28.43 5.59
C VAL A 232 15.65 27.26 4.69
N PHE A 233 15.07 27.18 3.49
CA PHE A 233 15.20 25.98 2.67
C PHE A 233 15.96 26.18 1.37
N GLY A 234 16.29 27.41 1.00
CA GLY A 234 17.24 27.61 -0.09
C GLY A 234 16.73 27.08 -1.41
N ALA A 235 17.57 26.27 -2.08
CA ALA A 235 17.22 25.79 -3.42
C ALA A 235 15.98 24.90 -3.43
N ASP A 236 15.66 24.27 -2.30
CA ASP A 236 14.52 23.38 -2.20
C ASP A 236 13.28 24.05 -1.61
N ALA A 237 13.30 25.38 -1.48
CA ALA A 237 12.19 26.11 -0.87
C ALA A 237 10.89 25.92 -1.64
N ASP A 238 10.95 26.02 -2.98
CA ASP A 238 9.75 25.89 -3.81
C ASP A 238 9.06 24.55 -3.59
N GLU A 239 9.84 23.46 -3.66
CA GLU A 239 9.27 22.13 -3.55
C GLU A 239 8.77 21.86 -2.14
N ILE A 240 9.54 22.28 -1.12
CA ILE A 240 9.15 22.00 0.26
C ILE A 240 7.92 22.82 0.63
N PHE A 241 7.82 24.05 0.13
CA PHE A 241 6.63 24.88 0.33
C PHE A 241 5.39 24.19 -0.25
N HIS A 242 5.50 23.66 -1.47
CA HIS A 242 4.34 23.05 -2.10
C HIS A 242 3.93 21.77 -1.37
N ALA A 243 4.90 20.96 -0.93
CA ALA A 243 4.57 19.74 -0.20
C ALA A 243 3.90 20.08 1.13
N TRP A 244 4.44 21.07 1.86
CA TRP A 244 3.81 21.47 3.12
C TRP A 244 2.38 21.96 2.92
N SER A 245 2.14 22.73 1.85
CA SER A 245 0.81 23.33 1.65
C SER A 245 -0.22 22.30 1.21
N ILE A 246 0.18 21.35 0.36
CA ILE A 246 -0.70 20.23 0.04
C ILE A 246 -0.95 19.38 1.28
N GLY A 247 0.10 19.10 2.05
CA GLY A 247 -0.06 18.30 3.25
C GLY A 247 -1.02 18.92 4.25
N ARG A 248 -0.86 20.24 4.50
CA ARG A 248 -1.77 20.92 5.42
C ARG A 248 -3.19 20.86 4.89
N TYR A 249 -3.36 21.00 3.58
CA TYR A 249 -4.68 20.95 2.97
C TYR A 249 -5.37 19.62 3.26
N ILE A 250 -4.68 18.50 2.97
CA ILE A 250 -5.28 17.19 3.15
C ILE A 250 -5.41 16.87 4.63
N ASP A 251 -4.43 17.28 5.45
CA ASP A 251 -4.52 17.03 6.89
C ASP A 251 -5.77 17.65 7.50
N GLN A 252 -6.13 18.87 7.09
CA GLN A 252 -7.34 19.49 7.61
C GLN A 252 -8.59 18.73 7.18
N ILE A 253 -8.59 18.21 5.96
CA ILE A 253 -9.69 17.35 5.51
C ILE A 253 -9.72 16.06 6.32
N ALA A 254 -8.55 15.44 6.52
CA ALA A 254 -8.50 14.22 7.33
C ALA A 254 -9.02 14.49 8.73
N GLN A 255 -8.57 15.59 9.34
CA GLN A 255 -8.95 15.88 10.72
C GLN A 255 -10.46 16.11 10.85
N ALA A 256 -11.05 16.81 9.88
CA ALA A 256 -12.48 17.08 9.95
C ALA A 256 -13.29 15.81 9.68
N GLY A 257 -12.83 14.98 8.76
CA GLY A 257 -13.54 13.74 8.50
C GLY A 257 -13.44 12.77 9.67
N LYS A 258 -12.26 12.70 10.29
CA LYS A 258 -12.06 11.87 11.48
C LYS A 258 -12.89 12.34 12.65
N ALA A 259 -13.16 13.65 12.74
CA ALA A 259 -14.03 14.16 13.80
C ALA A 259 -15.42 13.56 13.72
N GLU A 260 -15.84 13.13 12.53
CA GLU A 260 -17.14 12.53 12.32
C GLU A 260 -17.11 11.00 12.43
N TYR A 261 -16.03 10.38 11.99
CA TYR A 261 -15.90 8.93 11.94
C TYR A 261 -14.41 8.62 11.78
N PRO A 262 -13.70 8.27 12.88
CA PRO A 262 -12.23 8.21 12.88
C PRO A 262 -11.60 6.97 12.26
N LEU A 263 -12.01 6.63 11.03
CA LEU A 263 -11.34 5.56 10.30
C LEU A 263 -9.88 5.93 10.05
N PRO A 264 -8.98 4.96 10.01
CA PRO A 264 -7.61 5.23 9.55
C PRO A 264 -7.63 5.85 8.15
N MET A 265 -6.68 6.76 7.90
CA MET A 265 -6.57 7.47 6.63
C MET A 265 -5.11 7.51 6.15
N TYR A 266 -4.92 7.37 4.84
CA TYR A 266 -3.58 7.43 4.25
C TYR A 266 -3.68 8.19 2.92
N VAL A 267 -2.56 8.78 2.50
CA VAL A 267 -2.42 9.37 1.17
C VAL A 267 -1.46 8.52 0.35
N ASN A 268 -1.66 8.49 -0.97
CA ASN A 268 -0.80 7.70 -1.85
C ASN A 268 0.07 8.61 -2.70
N ALA A 269 1.26 8.14 -3.05
CA ALA A 269 2.28 8.95 -3.69
C ALA A 269 2.58 8.50 -5.12
N ALA A 270 2.52 9.43 -6.06
CA ALA A 270 3.18 9.23 -7.36
C ALA A 270 4.69 9.43 -7.17
N LEU A 271 5.47 8.37 -7.39
CA LEU A 271 6.87 8.34 -6.97
C LEU A 271 7.76 9.17 -7.89
N ARG A 272 8.85 9.69 -7.34
CA ARG A 272 9.98 10.11 -8.16
C ARG A 272 11.00 8.98 -8.20
N GLY A 273 11.78 8.91 -9.27
CA GLY A 273 12.78 7.87 -9.44
C GLY A 273 13.68 7.78 -8.22
N PRO A 274 13.91 6.56 -7.70
CA PRO A 274 14.72 6.44 -6.48
C PRO A 274 16.18 6.76 -6.67
N PHE A 275 16.72 6.56 -7.87
CA PHE A 275 18.14 6.71 -8.12
C PHE A 275 18.48 7.92 -8.97
N ASN A 276 17.71 8.16 -10.03
CA ASN A 276 17.96 9.26 -10.95
C ASN A 276 16.68 10.09 -11.12
N PRO A 277 16.17 10.67 -10.04
CA PRO A 277 14.91 11.41 -10.14
C PRO A 277 15.06 12.61 -11.06
N GLY A 278 13.94 12.98 -11.68
CA GLY A 278 13.86 14.21 -12.45
C GLY A 278 13.64 15.40 -11.54
N GLN A 279 13.23 16.51 -12.15
CA GLN A 279 12.96 17.75 -11.44
C GLN A 279 11.54 17.77 -10.89
N PRO A 280 11.31 18.38 -9.72
CA PRO A 280 9.92 18.55 -9.26
C PRO A 280 9.12 19.33 -10.30
N GLY A 281 7.94 18.80 -10.66
CA GLY A 281 7.17 19.25 -11.80
C GLY A 281 7.21 18.27 -12.97
N GLN A 282 8.34 17.61 -13.19
CA GLN A 282 8.34 16.46 -14.07
C GLN A 282 7.67 15.27 -13.39
N TYR A 283 8.15 14.91 -12.20
CA TYR A 283 7.34 14.15 -11.26
C TYR A 283 6.39 15.10 -10.54
N ALA A 284 5.36 14.55 -9.92
CA ALA A 284 4.34 15.40 -9.31
C ALA A 284 4.93 16.10 -8.10
N SER A 285 5.23 17.39 -8.26
CA SER A 285 5.81 18.15 -7.15
C SER A 285 4.80 18.30 -6.03
N GLY A 286 5.29 18.20 -4.79
CA GLY A 286 4.48 18.40 -3.63
C GLY A 286 3.82 17.15 -3.07
N GLY A 287 3.71 16.10 -3.86
CA GLY A 287 3.20 14.84 -3.37
C GLY A 287 4.17 14.22 -2.38
N PRO A 288 3.76 13.16 -1.71
CA PRO A 288 4.68 12.57 -0.71
C PRO A 288 5.80 11.74 -1.34
N THR A 289 6.67 12.42 -2.08
CA THR A 289 7.83 11.78 -2.70
C THR A 289 8.92 11.53 -1.65
N ASP A 290 9.95 10.75 -2.02
CA ASP A 290 10.84 10.21 -0.98
C ASP A 290 11.77 11.26 -0.39
N ASN A 291 11.79 12.47 -0.93
CA ASN A 291 12.63 13.54 -0.42
C ASN A 291 11.89 14.48 0.52
N VAL A 292 10.58 14.37 0.66
CA VAL A 292 9.78 15.30 1.45
C VAL A 292 8.92 14.54 2.45
N LEU A 293 9.36 13.35 2.84
CA LEU A 293 8.57 12.57 3.79
C LEU A 293 8.52 13.22 5.17
N ASP A 294 9.58 13.91 5.58
CA ASP A 294 9.55 14.57 6.89
C ASP A 294 8.66 15.80 6.86
N VAL A 295 8.64 16.50 5.71
CA VAL A 295 7.67 17.59 5.53
C VAL A 295 6.25 17.07 5.67
N TRP A 296 5.93 15.97 4.97
CA TRP A 296 4.57 15.46 5.03
C TRP A 296 4.21 14.98 6.43
N LYS A 297 5.17 14.35 7.14
CA LYS A 297 4.93 13.98 8.53
C LYS A 297 4.61 15.20 9.38
N ALA A 298 5.42 16.26 9.25
CA ALA A 298 5.20 17.47 10.03
C ALA A 298 3.85 18.11 9.70
N ALA A 299 3.46 18.08 8.43
CA ALA A 299 2.24 18.73 7.98
C ALA A 299 1.01 17.90 8.24
N GLY A 300 1.16 16.58 8.41
CA GLY A 300 0.03 15.69 8.40
C GLY A 300 -0.11 14.78 9.62
N PRO A 301 -0.24 15.38 10.82
CA PRO A 301 -0.41 14.55 12.03
C PRO A 301 -1.69 13.72 12.04
N HIS A 302 -2.70 14.06 11.24
CA HIS A 302 -3.95 13.31 11.16
C HIS A 302 -3.96 12.31 10.00
N ILE A 303 -2.84 12.17 9.29
CA ILE A 303 -2.68 11.22 8.19
C ILE A 303 -1.83 10.06 8.71
N ASP A 304 -2.36 8.85 8.65
CA ASP A 304 -1.71 7.76 9.38
C ASP A 304 -0.44 7.29 8.70
N LEU A 305 -0.42 7.21 7.37
CA LEU A 305 0.79 6.79 6.70
C LEU A 305 0.85 7.38 5.29
N LEU A 306 2.06 7.35 4.72
CA LEU A 306 2.31 7.76 3.34
C LEU A 306 2.59 6.51 2.50
N ALA A 307 1.76 6.25 1.51
CA ALA A 307 1.83 4.95 0.85
C ALA A 307 2.37 5.10 -0.56
N PRO A 308 3.37 4.32 -0.95
CA PRO A 308 3.86 4.39 -2.33
C PRO A 308 2.96 3.67 -3.31
N ASP A 309 2.91 4.21 -4.52
CA ASP A 309 2.30 3.54 -5.67
C ASP A 309 3.44 3.10 -6.58
N ILE A 310 3.72 1.80 -6.61
CA ILE A 310 4.96 1.29 -7.18
C ILE A 310 4.67 0.64 -8.53
N TYR A 311 5.06 1.31 -9.61
CA TYR A 311 5.03 0.78 -10.97
C TYR A 311 6.44 0.75 -11.56
N MET A 312 7.39 0.35 -10.73
CA MET A 312 8.78 0.14 -11.13
C MET A 312 9.06 -1.34 -11.08
N PRO A 313 8.97 -2.06 -12.21
CA PRO A 313 9.06 -3.53 -12.15
C PRO A 313 10.45 -4.06 -11.88
N GLU A 314 11.50 -3.25 -12.00
CA GLU A 314 12.86 -3.74 -11.84
C GLU A 314 13.18 -3.94 -10.36
N TYR A 315 13.75 -5.11 -10.05
CA TYR A 315 13.93 -5.55 -8.67
C TYR A 315 14.59 -4.49 -7.79
N ARG A 316 15.74 -3.96 -8.22
CA ARG A 316 16.48 -3.02 -7.38
C ARG A 316 15.68 -1.74 -7.11
N MET A 317 14.93 -1.28 -8.11
CA MET A 317 14.11 -0.09 -7.89
C MET A 317 12.95 -0.40 -6.95
N TYR A 318 12.18 -1.44 -7.25
CA TYR A 318 11.02 -1.79 -6.42
C TYR A 318 11.40 -1.95 -4.95
N THR A 319 12.43 -2.75 -4.68
CA THR A 319 12.76 -3.04 -3.29
C THR A 319 13.34 -1.82 -2.57
N THR A 320 14.00 -0.92 -3.31
CA THR A 320 14.51 0.30 -2.69
C THR A 320 13.38 1.22 -2.28
N VAL A 321 12.35 1.34 -3.12
CA VAL A 321 11.16 2.11 -2.75
C VAL A 321 10.55 1.54 -1.47
N LEU A 322 10.42 0.20 -1.39
CA LEU A 322 9.91 -0.44 -0.18
C LEU A 322 10.69 -0.01 1.05
N GLU A 323 12.02 -0.01 0.94
CA GLU A 323 12.86 0.30 2.10
C GLU A 323 12.68 1.75 2.53
N ARG A 324 12.60 2.67 1.58
CA ARG A 324 12.48 4.08 1.92
C ARG A 324 11.14 4.43 2.54
N TYR A 325 10.05 3.77 2.12
CA TYR A 325 8.75 4.10 2.70
C TYR A 325 8.46 3.33 3.98
N ALA A 326 9.15 2.22 4.23
CA ALA A 326 9.07 1.53 5.52
C ALA A 326 10.02 2.23 6.48
N ARG A 327 9.49 3.08 7.33
CA ARG A 327 10.23 3.84 8.32
C ARG A 327 9.67 3.55 9.71
N PRO A 328 10.44 3.82 10.78
CA PRO A 328 9.85 3.69 12.12
C PRO A 328 8.62 4.56 12.31
N ASP A 329 8.51 5.69 11.59
CA ASP A 329 7.33 6.53 11.67
C ASP A 329 6.37 6.34 10.50
N ASN A 330 6.56 5.30 9.68
CA ASN A 330 5.73 5.10 8.50
C ASN A 330 5.56 3.61 8.26
N ALA A 331 4.35 3.10 8.50
CA ALA A 331 4.01 1.73 8.16
C ALA A 331 3.91 1.60 6.65
N LEU A 332 4.58 0.58 6.11
CA LEU A 332 4.55 0.31 4.67
C LEU A 332 3.20 -0.26 4.25
N PHE A 333 2.51 0.45 3.37
CA PHE A 333 1.34 -0.04 2.66
C PHE A 333 1.55 0.28 1.19
N VAL A 334 1.59 -0.75 0.34
CA VAL A 334 1.72 -0.54 -1.10
C VAL A 334 0.31 -0.38 -1.64
N ALA A 335 -0.13 0.87 -1.77
CA ALA A 335 -1.53 1.13 -2.11
C ALA A 335 -1.84 0.76 -3.55
N GLU A 336 -0.86 0.78 -4.44
CA GLU A 336 -1.06 0.38 -5.84
C GLU A 336 0.22 -0.25 -6.34
N THR A 337 0.07 -1.23 -7.22
CA THR A 337 1.19 -1.78 -7.96
C THR A 337 0.64 -2.44 -9.22
N GLY A 338 1.54 -2.86 -10.10
CA GLY A 338 1.12 -3.34 -11.41
C GLY A 338 0.42 -4.69 -11.36
N ASN A 339 -0.41 -4.93 -12.36
CA ASN A 339 -1.12 -6.19 -12.51
C ASN A 339 -0.52 -7.10 -13.57
N ARG A 340 0.65 -6.74 -14.10
CA ARG A 340 1.43 -7.69 -14.90
C ARG A 340 2.01 -8.78 -13.99
N PRO A 341 2.11 -10.02 -14.48
CA PRO A 341 2.47 -11.15 -13.59
C PRO A 341 3.80 -11.00 -12.85
N GLU A 342 4.80 -10.38 -13.45
CA GLU A 342 6.06 -10.15 -12.75
C GLU A 342 5.89 -9.34 -11.46
N TYR A 343 4.78 -8.59 -11.31
CA TYR A 343 4.56 -7.83 -10.09
C TYR A 343 4.15 -8.71 -8.91
N ALA A 344 3.50 -9.85 -9.18
CA ALA A 344 2.88 -10.63 -8.10
C ALA A 344 3.88 -10.97 -6.99
N ARG A 345 5.11 -11.32 -7.37
CA ARG A 345 6.10 -11.79 -6.39
C ARG A 345 6.51 -10.73 -5.38
N TYR A 346 6.19 -9.45 -5.62
CA TYR A 346 6.56 -8.40 -4.70
C TYR A 346 5.69 -8.33 -3.45
N LEU A 347 4.62 -9.13 -3.38
CA LEU A 347 3.80 -9.19 -2.16
C LEU A 347 4.62 -9.59 -0.94
N TYR A 348 5.42 -10.65 -1.03
CA TYR A 348 6.07 -11.15 0.19
C TYR A 348 7.16 -10.21 0.71
N PRO A 349 8.05 -9.64 -0.11
CA PRO A 349 8.99 -8.65 0.44
C PRO A 349 8.30 -7.43 1.04
N THR A 350 7.15 -7.02 0.52
CA THR A 350 6.39 -5.95 1.15
C THR A 350 5.94 -6.33 2.56
N LEU A 351 5.31 -7.51 2.69
CA LEU A 351 4.92 -8.00 4.00
C LEU A 351 6.12 -8.14 4.91
N GLY A 352 7.31 -8.39 4.35
CA GLY A 352 8.54 -8.54 5.11
C GLY A 352 9.01 -7.26 5.80
N HIS A 353 8.48 -6.10 5.42
CA HIS A 353 8.76 -4.86 6.12
C HIS A 353 7.81 -4.63 7.27
N ASN A 354 6.89 -5.56 7.52
CA ASN A 354 6.08 -5.54 8.74
C ASN A 354 5.19 -4.29 8.80
N GLY A 355 4.63 -3.94 7.67
CA GLY A 355 3.60 -2.93 7.53
C GLY A 355 2.22 -3.55 7.55
N ILE A 356 1.34 -3.07 6.67
CA ILE A 356 -0.06 -3.46 6.71
C ILE A 356 -0.61 -4.03 5.41
N GLY A 357 0.19 -4.19 4.36
CA GLY A 357 -0.30 -4.95 3.22
C GLY A 357 0.15 -4.38 1.89
N TRP A 358 -0.60 -4.72 0.85
CA TRP A 358 -0.18 -4.62 -0.54
C TRP A 358 -1.40 -4.81 -1.44
N SER A 359 -1.53 -3.97 -2.48
CA SER A 359 -2.71 -4.01 -3.34
C SER A 359 -2.30 -3.88 -4.80
N ALA A 360 -2.96 -4.66 -5.66
CA ALA A 360 -2.70 -4.63 -7.09
C ALA A 360 -3.78 -3.80 -7.78
N PHE A 361 -3.37 -3.04 -8.79
CA PHE A 361 -4.22 -2.06 -9.45
C PHE A 361 -4.69 -2.56 -10.81
N GLY A 362 -5.96 -2.24 -11.13
CA GLY A 362 -6.58 -2.53 -12.41
C GLY A 362 -7.24 -3.89 -12.50
N ILE A 363 -7.95 -4.32 -11.45
CA ILE A 363 -8.46 -5.68 -11.35
C ILE A 363 -9.96 -5.61 -11.62
N ASP A 364 -10.33 -5.65 -12.90
CA ASP A 364 -11.70 -5.88 -13.32
C ASP A 364 -11.69 -6.37 -14.77
N TYR A 365 -12.87 -6.66 -15.30
CA TYR A 365 -13.03 -7.17 -16.66
C TYR A 365 -13.71 -6.14 -17.57
N THR A 366 -13.40 -4.86 -17.38
CA THR A 366 -13.96 -3.81 -18.21
C THR A 366 -13.26 -3.65 -19.56
N ARG A 367 -12.21 -4.44 -19.82
CA ARG A 367 -11.39 -4.38 -21.04
C ARG A 367 -10.56 -3.12 -21.13
N TYR A 368 -10.27 -2.48 -20.02
CA TYR A 368 -9.28 -1.41 -20.02
C TYR A 368 -7.91 -1.99 -19.67
N SER A 369 -6.87 -1.40 -20.25
CA SER A 369 -5.51 -1.80 -19.92
C SER A 369 -4.67 -0.55 -19.70
N ASN A 370 -3.89 -0.53 -18.62
CA ASN A 370 -2.91 0.53 -18.40
C ASN A 370 -1.51 0.10 -18.81
N TYR A 371 -1.40 -0.93 -19.65
CA TYR A 371 -0.16 -1.16 -20.37
C TYR A 371 0.31 0.14 -21.01
N PRO A 372 1.61 0.47 -20.92
CA PRO A 372 2.72 -0.37 -20.46
C PRO A 372 3.01 -0.45 -18.94
N LEU A 373 2.24 0.20 -18.06
CA LEU A 373 2.47 -0.01 -16.63
C LEU A 373 2.04 -1.42 -16.22
N GLY A 374 0.87 -1.85 -16.66
CA GLY A 374 0.32 -3.14 -16.30
C GLY A 374 0.06 -4.02 -17.51
N ALA A 375 -0.79 -5.04 -17.32
CA ALA A 375 -0.97 -6.09 -18.32
C ALA A 375 -1.88 -5.64 -19.44
N LYS A 376 -1.66 -6.21 -20.63
CA LYS A 376 -2.52 -5.88 -21.76
C LYS A 376 -3.95 -6.40 -21.57
N HIS A 377 -4.12 -7.48 -20.79
CA HIS A 377 -5.45 -8.02 -20.51
C HIS A 377 -5.49 -8.57 -19.09
N VAL A 378 -6.67 -8.48 -18.48
CA VAL A 378 -6.91 -9.06 -17.16
C VAL A 378 -7.83 -10.26 -17.34
N ASN A 379 -7.32 -11.44 -17.04
CA ASN A 379 -8.10 -12.67 -17.20
C ASN A 379 -7.62 -13.66 -16.13
N GLU A 380 -8.16 -14.89 -16.19
CA GLU A 380 -7.81 -15.88 -15.18
C GLU A 380 -6.33 -16.27 -15.24
N GLU A 381 -5.74 -16.24 -16.43
CA GLU A 381 -4.31 -16.55 -16.54
C GLU A 381 -3.47 -15.45 -15.90
N THR A 382 -3.74 -14.18 -16.22
CA THR A 382 -2.91 -13.10 -15.69
C THR A 382 -3.10 -12.91 -14.19
N LEU A 383 -4.27 -13.30 -13.66
CA LEU A 383 -4.51 -13.19 -12.22
C LEU A 383 -3.96 -14.35 -11.42
N ALA A 384 -3.67 -15.49 -12.06
CA ALA A 384 -3.29 -16.66 -11.27
C ALA A 384 -2.05 -16.46 -10.40
N PRO A 385 -0.98 -15.78 -10.85
CA PRO A 385 0.19 -15.59 -9.96
C PRO A 385 -0.10 -14.76 -8.73
N PHE A 386 -1.05 -13.83 -8.83
CA PHE A 386 -1.47 -13.05 -7.68
C PHE A 386 -2.36 -13.87 -6.77
N ALA A 387 -3.34 -14.59 -7.34
CA ALA A 387 -4.24 -15.39 -6.53
C ALA A 387 -3.48 -16.42 -5.69
N LEU A 388 -2.38 -16.94 -6.21
CA LEU A 388 -1.58 -17.91 -5.46
C LEU A 388 -1.11 -17.33 -4.14
N GLY A 389 -0.50 -16.14 -4.18
CA GLY A 389 -0.05 -15.48 -2.96
C GLY A 389 -1.19 -15.10 -2.03
N PHE A 390 -2.28 -14.56 -2.58
CA PHE A 390 -3.41 -14.19 -1.76
C PHE A 390 -4.02 -15.41 -1.06
N GLN A 391 -4.10 -16.55 -1.77
CA GLN A 391 -4.62 -17.76 -1.14
C GLN A 391 -3.68 -18.25 -0.04
N ALA A 392 -2.38 -18.25 -0.29
CA ALA A 392 -1.43 -18.73 0.72
C ALA A 392 -1.43 -17.85 1.97
N VAL A 393 -1.39 -16.53 1.80
CA VAL A 393 -1.44 -15.67 2.98
C VAL A 393 -2.78 -15.80 3.68
N SER A 394 -3.88 -15.94 2.93
CA SER A 394 -5.17 -16.04 3.59
C SER A 394 -5.28 -17.31 4.42
N MET A 395 -4.53 -18.36 4.07
CA MET A 395 -4.54 -19.58 4.87
C MET A 395 -3.98 -19.38 6.28
N GLY A 396 -3.28 -18.28 6.51
CA GLY A 396 -2.84 -17.96 7.86
C GLY A 396 -2.81 -16.48 8.13
N MET A 397 -3.83 -15.75 7.67
CA MET A 397 -3.74 -14.29 7.63
C MET A 397 -3.62 -13.67 9.02
N ARG A 398 -4.42 -14.14 9.99
CA ARG A 398 -4.36 -13.49 11.29
C ARG A 398 -3.03 -13.75 11.98
N PRO A 399 -2.51 -14.99 12.05
CA PRO A 399 -1.15 -15.19 12.58
C PRO A 399 -0.08 -14.44 11.80
N PHE A 400 -0.20 -14.37 10.47
CA PHE A 400 0.76 -13.57 9.70
C PHE A 400 0.71 -12.10 10.13
N ALA A 401 -0.50 -11.57 10.35
CA ALA A 401 -0.66 -10.17 10.74
C ALA A 401 -0.23 -9.94 12.18
N LYS A 402 -0.41 -10.93 13.06
CA LYS A 402 0.13 -10.81 14.40
C LYS A 402 1.65 -10.74 14.35
N ALA A 403 2.26 -11.59 13.50
CA ALA A 403 3.71 -11.55 13.33
C ALA A 403 4.18 -10.19 12.82
N ALA A 404 3.50 -9.65 11.80
CA ALA A 404 3.88 -8.33 11.27
C ALA A 404 3.81 -7.27 12.37
N SER A 405 2.79 -7.33 13.21
CA SER A 405 2.62 -6.31 14.24
C SER A 405 3.69 -6.40 15.34
N GLU A 406 4.36 -7.55 15.46
CA GLU A 406 5.49 -7.71 16.37
C GLU A 406 6.83 -7.58 15.66
N GLY A 407 6.81 -7.23 14.37
CA GLY A 407 8.04 -7.14 13.60
C GLY A 407 8.69 -8.47 13.27
N LYS A 408 7.90 -9.55 13.20
CA LYS A 408 8.44 -10.90 13.12
C LYS A 408 8.19 -11.57 11.76
N LEU A 409 7.85 -10.80 10.74
CA LEU A 409 7.60 -11.30 9.40
C LEU A 409 8.81 -11.03 8.53
N HIS A 410 9.20 -12.05 7.74
CA HIS A 410 10.33 -12.01 6.82
C HIS A 410 9.81 -12.40 5.44
N GLY A 411 10.24 -11.70 4.41
CA GLY A 411 9.73 -11.96 3.07
C GLY A 411 10.73 -11.59 2.02
N THR A 412 10.68 -12.32 0.90
CA THR A 412 11.66 -12.06 -0.14
C THR A 412 11.09 -12.52 -1.47
N ALA A 413 11.57 -11.86 -2.54
CA ALA A 413 11.23 -12.20 -3.92
C ALA A 413 12.50 -12.44 -4.72
N GLU A 414 12.37 -13.23 -5.79
CA GLU A 414 13.49 -13.59 -6.65
C GLU A 414 13.99 -12.41 -7.47
N GLU A 415 15.32 -12.23 -7.50
CA GLU A 415 15.98 -11.22 -8.34
C GLU A 415 16.62 -11.89 -9.56
N PRO A 416 16.45 -11.34 -10.76
CA PRO A 416 17.10 -11.94 -11.95
C PRO A 416 18.61 -12.05 -11.77
N GLY A 417 19.14 -13.21 -12.11
CA GLY A 417 20.55 -13.50 -12.02
C GLY A 417 21.06 -13.86 -10.63
N GLN A 418 20.16 -13.97 -9.64
CA GLN A 418 20.53 -14.38 -8.28
C GLN A 418 19.62 -15.52 -7.86
N ALA A 419 20.13 -16.74 -7.91
CA ALA A 419 19.29 -17.91 -7.60
C ALA A 419 19.27 -18.28 -6.12
N VAL A 420 20.07 -17.62 -5.27
CA VAL A 420 20.09 -17.91 -3.85
C VAL A 420 19.97 -16.62 -3.04
N GLN A 421 19.17 -16.66 -1.97
CA GLN A 421 19.10 -15.57 -0.99
C GLN A 421 19.16 -16.18 0.41
N GLU A 422 19.63 -15.37 1.37
CA GLU A 422 19.72 -15.79 2.76
C GLU A 422 18.89 -14.86 3.61
N LEU A 423 17.91 -15.41 4.33
CA LEU A 423 17.10 -14.69 5.31
C LEU A 423 17.62 -15.00 6.70
N LYS A 424 18.02 -13.97 7.43
CA LYS A 424 18.33 -14.11 8.85
C LYS A 424 17.03 -14.04 9.64
N LEU A 425 16.76 -15.07 10.43
CA LEU A 425 15.51 -15.14 11.18
C LEU A 425 15.73 -14.73 12.63
N ASN A 426 16.59 -15.45 13.35
CA ASN A 426 16.93 -15.09 14.73
C ASN A 426 18.31 -15.68 15.06
N ASP A 427 18.68 -15.62 16.34
CA ASP A 427 19.97 -16.11 16.83
C ASP A 427 20.18 -17.57 16.48
N ARG A 428 19.11 -18.34 16.35
CA ARG A 428 19.21 -19.79 16.27
C ARG A 428 19.13 -20.31 14.84
N TRP A 429 18.33 -19.67 13.98
CA TRP A 429 18.01 -20.22 12.67
C TRP A 429 18.07 -19.15 11.57
N SER A 430 18.39 -19.61 10.37
CA SER A 430 18.34 -18.81 9.15
C SER A 430 17.65 -19.64 8.08
N ALA A 431 17.27 -18.99 6.97
CA ALA A 431 16.65 -19.72 5.88
C ALA A 431 17.36 -19.40 4.56
N THR A 432 17.75 -20.44 3.84
CA THR A 432 18.27 -20.30 2.50
C THR A 432 17.12 -20.42 1.51
N ILE A 433 17.01 -19.45 0.60
CA ILE A 433 15.97 -19.43 -0.44
C ILE A 433 16.67 -19.69 -1.78
N THR A 434 16.26 -20.75 -2.47
CA THR A 434 16.87 -21.17 -3.72
C THR A 434 15.80 -21.23 -4.80
N TYR A 435 16.09 -20.69 -5.97
CA TYR A 435 15.08 -20.52 -7.01
C TYR A 435 15.38 -21.39 -8.21
N GLY A 436 14.33 -22.02 -8.75
CA GLY A 436 14.45 -22.80 -9.97
C GLY A 436 15.15 -24.14 -9.85
N VAL A 437 15.08 -24.80 -8.70
CA VAL A 437 15.71 -26.11 -8.54
C VAL A 437 14.64 -27.20 -8.44
N PRO A 438 15.01 -28.46 -8.71
CA PRO A 438 14.09 -29.58 -8.44
C PRO A 438 13.82 -29.71 -6.95
N GLN A 439 12.78 -30.51 -6.66
CA GLN A 439 12.37 -30.79 -5.29
C GLN A 439 13.13 -31.98 -4.74
N PHE A 440 14.36 -32.16 -5.19
CA PHE A 440 15.17 -33.33 -4.95
C PHE A 440 16.61 -32.89 -5.07
N TRP A 441 17.52 -33.82 -4.83
CA TRP A 441 18.93 -33.54 -5.05
C TRP A 441 19.18 -33.17 -6.52
N PHE A 442 20.04 -32.17 -6.74
CA PHE A 442 20.45 -31.77 -8.08
C PHE A 442 21.95 -31.48 -8.09
N LYS A 443 22.56 -31.67 -9.25
CA LYS A 443 23.96 -31.36 -9.45
C LYS A 443 24.12 -29.98 -10.07
N GLY A 444 24.99 -29.17 -9.49
CA GLY A 444 25.41 -27.93 -10.11
C GLY A 444 24.80 -26.70 -9.45
N GLU A 445 25.09 -25.56 -10.05
CA GLU A 445 24.67 -24.29 -9.48
C GLU A 445 23.17 -24.09 -9.72
N PRO A 446 22.46 -23.57 -8.72
CA PRO A 446 21.03 -23.27 -8.91
C PRO A 446 20.84 -22.32 -10.08
N PRO A 447 19.93 -22.65 -11.02
CA PRO A 447 19.82 -21.81 -12.23
C PRO A 447 18.93 -20.60 -12.07
N GLY A 448 18.09 -20.54 -11.01
CA GLY A 448 17.02 -19.56 -10.95
C GLY A 448 15.85 -19.99 -11.83
N ASN A 449 14.68 -19.40 -11.62
CA ASN A 449 13.59 -19.67 -12.56
C ASN A 449 13.89 -18.97 -13.89
N PRO A 450 13.34 -19.47 -14.99
CA PRO A 450 13.59 -18.83 -16.29
C PRO A 450 13.22 -17.35 -16.33
N GLU A 451 12.05 -16.99 -15.80
CA GLU A 451 11.70 -15.62 -15.48
C GLU A 451 11.67 -15.48 -13.96
N PRO A 452 11.91 -14.27 -13.40
CA PRO A 452 11.87 -14.14 -11.95
C PRO A 452 10.42 -14.19 -11.43
N ILE A 453 10.08 -15.27 -10.73
CA ILE A 453 8.71 -15.54 -10.29
C ILE A 453 8.65 -16.11 -8.87
N GLY A 454 9.81 -16.42 -8.27
CA GLY A 454 9.79 -17.04 -6.95
C GLY A 454 9.68 -16.03 -5.80
N ALA A 455 9.19 -16.53 -4.65
CA ALA A 455 9.13 -15.72 -3.43
C ALA A 455 8.96 -16.65 -2.25
N ALA A 456 9.19 -16.10 -1.05
CA ALA A 456 8.99 -16.83 0.21
C ALA A 456 8.61 -15.85 1.31
N LEU A 457 7.89 -16.36 2.30
CA LEU A 457 7.39 -15.58 3.42
C LEU A 457 7.48 -16.45 4.66
N ILE A 458 8.08 -15.91 5.73
CA ILE A 458 8.37 -16.69 6.94
C ILE A 458 7.99 -15.84 8.13
N ALA A 459 7.13 -16.39 8.99
CA ALA A 459 6.74 -15.76 10.24
C ALA A 459 7.41 -16.50 11.39
N GLU A 460 8.00 -15.77 12.32
CA GLU A 460 8.53 -16.37 13.55
C GLU A 460 7.43 -16.38 14.59
N LEU A 461 6.93 -17.58 14.94
CA LEU A 461 5.90 -17.72 15.96
C LEU A 461 6.52 -17.76 17.35
N SER A 462 7.64 -18.46 17.46
CA SER A 462 8.45 -18.52 18.66
C SER A 462 9.86 -18.89 18.21
N PRO A 463 10.86 -18.88 19.11
CA PRO A 463 12.24 -19.06 18.62
C PRO A 463 12.49 -20.26 17.73
N ASP A 464 11.80 -21.38 17.96
CA ASP A 464 12.02 -22.60 17.20
C ASP A 464 10.81 -23.03 16.38
N GLU A 465 9.86 -22.13 16.13
CA GLU A 465 8.72 -22.47 15.31
C GLU A 465 8.40 -21.34 14.34
N PHE A 466 8.19 -21.71 13.07
CA PHE A 466 7.98 -20.75 12.00
C PHE A 466 6.79 -21.18 11.14
N LEU A 467 6.04 -20.18 10.65
CA LEU A 467 5.11 -20.38 9.54
C LEU A 467 5.87 -20.07 8.25
N VAL A 468 5.78 -20.96 7.28
CA VAL A 468 6.55 -20.85 6.04
C VAL A 468 5.62 -21.10 4.85
N THR A 469 5.64 -20.19 3.87
CA THR A 469 5.05 -20.47 2.57
C THR A 469 5.96 -19.87 1.48
N GLY A 470 5.76 -20.33 0.25
CA GLY A 470 6.51 -19.76 -0.86
C GLY A 470 5.91 -20.26 -2.16
N TYR A 471 6.50 -19.83 -3.27
CA TYR A 471 6.16 -20.40 -4.57
C TYR A 471 7.37 -20.33 -5.51
N HIS A 472 7.49 -21.35 -6.37
CA HIS A 472 8.63 -21.49 -7.29
C HIS A 472 9.95 -21.32 -6.54
N ALA A 473 10.06 -22.01 -5.41
CA ALA A 473 11.18 -21.73 -4.51
C ALA A 473 11.37 -22.89 -3.56
N ARG A 474 12.59 -23.03 -3.09
CA ARG A 474 12.94 -23.93 -2.00
C ARG A 474 13.33 -23.09 -0.79
N VAL A 475 12.83 -23.49 0.38
CA VAL A 475 13.20 -22.84 1.64
C VAL A 475 13.94 -23.90 2.45
N THR A 476 15.20 -23.63 2.77
CA THR A 476 16.00 -24.54 3.58
C THR A 476 16.38 -23.83 4.87
N LEU A 477 15.71 -24.18 5.96
CA LEU A 477 16.07 -23.73 7.29
C LEU A 477 17.36 -24.39 7.73
N HIS A 478 18.25 -23.64 8.37
CA HIS A 478 19.52 -24.22 8.80
C HIS A 478 20.02 -23.49 10.04
N PRO A 479 20.87 -24.12 10.84
CA PRO A 479 21.38 -23.48 12.06
C PRO A 479 22.09 -22.15 11.76
N ALA A 480 21.90 -21.19 12.66
CA ALA A 480 22.62 -19.93 12.58
C ALA A 480 23.70 -19.82 13.65
N SER A 481 23.92 -20.86 14.45
CA SER A 481 24.91 -20.83 15.52
C SER A 481 25.34 -22.25 15.83
N ASP A 482 26.41 -22.36 16.64
CA ASP A 482 26.86 -23.67 17.10
C ASP A 482 25.86 -24.32 18.04
N ALA A 483 25.03 -23.54 18.73
CA ALA A 483 24.04 -24.13 19.63
C ALA A 483 23.02 -24.97 18.89
N THR A 484 22.75 -24.67 17.61
CA THR A 484 21.70 -25.36 16.87
C THR A 484 22.24 -26.28 15.78
N ALA A 485 23.56 -26.54 15.79
CA ALA A 485 24.18 -27.38 14.78
C ALA A 485 23.51 -28.75 14.62
N ASN A 486 22.98 -29.33 15.69
CA ASN A 486 22.41 -30.69 15.62
C ASN A 486 20.92 -30.66 15.28
N MET A 487 20.62 -30.05 14.12
CA MET A 487 19.26 -29.68 13.79
C MET A 487 18.39 -30.89 13.51
N ILE A 488 17.15 -30.84 13.98
CA ILE A 488 16.14 -31.88 13.79
C ILE A 488 14.87 -31.18 13.31
N TYR A 489 14.23 -31.73 12.28
CA TYR A 489 12.87 -31.30 11.92
C TYR A 489 11.92 -32.00 12.88
N ASP A 490 11.39 -31.25 13.87
CA ASP A 490 10.48 -31.88 14.82
C ASP A 490 9.13 -32.16 14.16
N ARG A 491 8.52 -31.14 13.56
CA ARG A 491 7.29 -31.23 12.79
C ARG A 491 7.38 -30.28 11.60
N VAL A 492 6.88 -30.73 10.45
CA VAL A 492 6.70 -29.86 9.29
C VAL A 492 5.24 -30.01 8.87
N GLU A 493 4.34 -29.31 9.56
CA GLU A 493 2.90 -29.54 9.41
C GLU A 493 2.31 -28.71 8.28
N GLU A 494 1.73 -29.38 7.27
CA GLU A 494 0.88 -28.66 6.33
C GLU A 494 -0.52 -28.50 6.94
N GLY A 495 -1.08 -27.31 6.82
CA GLY A 495 -2.47 -27.12 7.19
C GLY A 495 -2.91 -25.70 6.92
N VAL A 496 -4.05 -25.32 7.50
CA VAL A 496 -4.56 -23.97 7.38
C VAL A 496 -5.06 -23.52 8.75
N TYR A 497 -5.28 -22.22 8.86
CA TYR A 497 -5.86 -21.63 10.05
C TYR A 497 -7.33 -21.31 9.81
N GLU A 498 -8.16 -21.59 10.79
CA GLU A 498 -9.50 -21.02 10.88
C GLU A 498 -9.44 -19.92 11.94
N GLY A 499 -9.45 -18.67 11.49
CA GLY A 499 -9.16 -17.56 12.38
C GLY A 499 -7.77 -17.76 12.94
N ASN A 500 -7.68 -18.16 14.22
CA ASN A 500 -6.40 -18.43 14.86
C ASN A 500 -6.20 -19.92 15.17
N ASP A 501 -7.17 -20.76 14.84
CA ASP A 501 -7.11 -22.18 15.19
C ASP A 501 -6.48 -22.99 14.05
N TRP A 502 -5.40 -23.71 14.36
CA TRP A 502 -4.65 -24.45 13.35
C TRP A 502 -5.35 -25.76 13.01
N LYS A 503 -5.54 -26.01 11.71
CA LYS A 503 -6.19 -27.21 11.20
C LYS A 503 -5.12 -28.07 10.51
N PHE A 504 -4.74 -29.15 11.15
CA PHE A 504 -3.67 -30.01 10.65
C PHE A 504 -4.14 -30.86 9.47
N GLN A 505 -3.29 -30.97 8.45
CA GLN A 505 -3.52 -31.88 7.34
C GLN A 505 -2.57 -33.07 7.33
N ARG A 506 -1.27 -32.85 7.45
CA ARG A 506 -0.30 -33.93 7.37
C ARG A 506 1.05 -33.41 7.86
N ASN A 507 1.93 -34.36 8.26
CA ASN A 507 3.32 -34.06 8.60
C ASN A 507 4.21 -34.39 7.40
N TRP A 508 4.82 -33.36 6.82
CA TRP A 508 5.83 -33.60 5.79
C TRP A 508 7.07 -34.22 6.42
N ASN A 509 7.62 -35.20 5.73
CA ASN A 509 8.83 -35.87 6.17
C ASN A 509 9.47 -36.49 4.91
N GLY A 510 10.61 -37.17 5.09
CA GLY A 510 11.19 -37.95 4.01
C GLY A 510 11.65 -37.10 2.84
N ASP A 511 11.36 -37.58 1.63
CA ASP A 511 11.59 -36.79 0.42
C ASP A 511 11.13 -35.34 0.56
N GLN A 512 10.02 -35.10 1.27
CA GLN A 512 9.46 -33.75 1.24
C GLN A 512 10.21 -32.76 2.12
N THR A 513 11.13 -33.22 2.98
CA THR A 513 11.95 -32.34 3.78
C THR A 513 13.45 -32.55 3.59
N ASP A 514 13.88 -33.56 2.81
CA ASP A 514 15.31 -33.87 2.67
C ASP A 514 16.07 -32.76 1.96
N TYR A 515 15.40 -32.01 1.10
CA TYR A 515 16.03 -30.95 0.30
C TYR A 515 15.30 -29.64 0.55
N GLY A 516 15.36 -29.13 1.79
CA GLY A 516 14.51 -28.01 2.13
C GLY A 516 13.04 -28.43 2.03
N VAL A 517 12.17 -27.43 2.08
CA VAL A 517 10.76 -27.60 1.73
C VAL A 517 10.53 -26.84 0.44
N ASN A 518 9.91 -27.51 -0.54
CA ASN A 518 9.87 -27.04 -1.91
C ASN A 518 8.45 -26.66 -2.31
N PHE A 519 8.30 -25.46 -2.85
CA PHE A 519 7.02 -24.92 -3.26
C PHE A 519 7.01 -24.77 -4.78
N SER A 520 5.85 -25.06 -5.40
CA SER A 520 5.69 -24.84 -6.82
C SER A 520 4.60 -23.81 -7.08
N SER A 521 3.42 -24.26 -7.54
CA SER A 521 2.40 -23.35 -8.03
C SER A 521 1.08 -23.42 -7.28
N VAL A 522 1.03 -24.12 -6.15
CA VAL A 522 -0.23 -24.25 -5.39
C VAL A 522 0.00 -23.72 -3.98
N PRO A 523 -1.04 -23.18 -3.33
CA PRO A 523 -0.86 -22.50 -2.04
C PRO A 523 -0.74 -23.51 -0.91
N GLN A 524 0.38 -23.46 -0.18
CA GLN A 524 0.60 -24.40 0.89
C GLN A 524 1.29 -23.69 2.04
N LEU A 525 0.72 -23.84 3.23
CA LEU A 525 1.24 -23.21 4.45
C LEU A 525 1.81 -24.30 5.33
N LEU A 526 3.04 -24.12 5.79
CA LEU A 526 3.69 -25.12 6.64
C LEU A 526 4.04 -24.48 7.99
N LYS A 527 3.72 -25.19 9.07
CA LYS A 527 4.08 -24.77 10.41
C LYS A 527 5.23 -25.66 10.87
N ILE A 528 6.44 -25.11 10.91
CA ILE A 528 7.65 -25.90 11.05
C ILE A 528 8.23 -25.66 12.44
N LYS A 529 8.25 -26.73 13.25
CA LYS A 529 8.88 -26.69 14.56
C LYS A 529 10.23 -27.38 14.47
N LEU A 530 11.29 -26.67 14.88
CA LEU A 530 12.63 -27.21 14.82
C LEU A 530 13.05 -27.68 16.22
N ALA A 531 13.92 -28.70 16.25
CA ALA A 531 14.54 -29.15 17.50
C ALA A 531 16.02 -29.38 17.24
N THR A 532 16.74 -29.80 18.30
CA THR A 532 18.09 -30.32 18.16
C THR A 532 18.15 -31.64 18.90
N TYR A 533 18.92 -32.59 18.38
CA TYR A 533 19.14 -33.79 19.15
C TYR A 533 20.23 -33.54 20.18
N LYS A 534 20.20 -34.34 21.23
CA LYS A 534 21.07 -34.11 22.37
C LYS A 534 21.74 -35.39 22.85
S SO4 B . 21.75 -7.70 -1.37
O1 SO4 B . 20.57 -8.58 -1.38
O2 SO4 B . 21.33 -6.32 -1.12
O3 SO4 B . 22.67 -8.12 -0.31
O4 SO4 B . 22.43 -7.79 -2.65
S SO4 C . -10.41 26.76 8.54
O1 SO4 C . -11.84 26.61 8.29
O2 SO4 C . -10.00 25.90 9.65
O3 SO4 C . -10.13 28.16 8.88
O4 SO4 C . -9.65 26.39 7.35
C1 GLA D . -1.67 6.13 -10.48
C2 GLA D . -3.11 6.42 -10.04
C3 GLA D . -4.07 5.38 -10.50
C4 GLA D . -3.93 5.14 -11.97
C5 GLA D . -2.51 4.71 -12.32
C6 GLA D . -2.39 4.52 -13.81
O1 GLA D . -1.13 5.11 -9.74
O2 GLA D . -3.16 6.56 -8.61
O3 GLA D . -5.44 5.81 -10.20
O4 GLA D . -4.15 6.38 -12.62
O5 GLA D . -1.57 5.76 -11.93
O6 GLA D . -3.16 3.42 -14.25
C1 GOL E . 10.22 13.81 11.60
O1 GOL E . 11.40 14.54 11.62
C2 GOL E . 9.08 14.85 11.66
O2 GOL E . 8.92 15.52 10.45
C3 GOL E . 7.84 14.05 12.10
O3 GOL E . 6.89 14.94 12.61
C1 GOL F . -12.11 -14.45 -18.34
O1 GOL F . -10.79 -14.75 -17.94
C2 GOL F . -12.21 -12.91 -18.66
O2 GOL F . -13.53 -12.47 -18.78
C3 GOL F . -11.45 -12.71 -20.00
O3 GOL F . -11.93 -13.68 -20.90
C1 GOL G . -1.57 25.80 7.55
O1 GOL G . -1.98 26.24 6.27
C2 GOL G . -2.84 25.50 8.38
O2 GOL G . -3.85 26.43 8.13
C3 GOL G . -2.38 25.54 9.85
O3 GOL G . -3.52 25.28 10.62
C1 GOL H . -8.70 32.58 -0.03
O1 GOL H . -7.34 32.38 0.22
C2 GOL H . -8.91 32.46 -1.55
O2 GOL H . -8.41 33.57 -2.23
C3 GOL H . -10.45 32.31 -1.72
O3 GOL H . -10.77 30.94 -1.62
C1 GOL I . -10.64 -12.83 8.98
O1 GOL I . -9.83 -12.80 10.06
C2 GOL I . -11.41 -11.54 9.05
O2 GOL I . -11.88 -11.17 7.82
C3 GOL I . -12.55 -11.84 10.07
O3 GOL I . -12.54 -10.81 11.04
#